data_3GAM
#
_entry.id   3GAM
#
_cell.length_a   56.346
_cell.length_b   83.889
_cell.length_c   106.696
_cell.angle_alpha   90.00
_cell.angle_beta   90.00
_cell.angle_gamma   90.00
#
_symmetry.space_group_name_H-M   'P 21 21 21'
#
loop_
_entity.id
_entity.type
_entity.pdbx_description
1 polymer 'Ribosyldihydronicotinamide dehydrogenase [quinone]'
2 non-polymer 5,8-dimethoxy-1,4-dimethylquinolin-2(1H)-one
3 non-polymer 'FLAVIN-ADENINE DINUCLEOTIDE'
4 non-polymer 'ZINC ION'
5 water water
#
_entity_poly.entity_id   1
_entity_poly.type   'polypeptide(L)'
_entity_poly.pdbx_seq_one_letter_code
;MAGKKVLIVYAHQEPKSFNGSLKNVAVDELSRQGCTVTVSDLYAMNFEPRATDKDITGTLSNPEVFNYGVETHEAYKQRS
LASDITDEQKKVREADLVIFQFPLYWFSVPAILKGWMDRVLCQGFAFDIPGFYDSGLLQGKLALLSVTTGGTAEMYTKTG
VNGDSRYFLWPLQHGTLHFCGFKVLAPQISFAPEIASEEERKGMVAAWSQRLQTIWKEEPIPCTAHWHFGQ
;
_entity_poly.pdbx_strand_id   A,B
#
# COMPACT_ATOMS: atom_id res chain seq x y z
N ALA A 2 4.62 -28.58 -19.51
CA ALA A 2 5.36 -28.65 -20.81
C ALA A 2 5.18 -27.34 -21.64
N GLY A 3 5.54 -26.16 -21.08
CA GLY A 3 6.03 -25.98 -19.69
C GLY A 3 5.51 -24.62 -19.15
N LYS A 4 5.74 -24.29 -17.89
CA LYS A 4 5.21 -23.00 -17.38
C LYS A 4 6.31 -22.18 -16.69
N LYS A 5 6.24 -20.87 -16.73
CA LYS A 5 7.21 -20.04 -16.00
C LYS A 5 6.44 -19.31 -14.87
N VAL A 6 7.04 -19.34 -13.69
CA VAL A 6 6.48 -18.76 -12.48
C VAL A 6 7.48 -17.77 -11.87
N LEU A 7 6.99 -16.57 -11.59
CA LEU A 7 7.73 -15.57 -10.77
C LEU A 7 7.10 -15.47 -9.36
N ILE A 8 7.90 -15.63 -8.32
CA ILE A 8 7.50 -15.36 -6.96
C ILE A 8 8.11 -14.05 -6.49
N VAL A 9 7.25 -13.06 -6.24
CA VAL A 9 7.74 -11.80 -5.60
C VAL A 9 7.50 -11.94 -4.11
N TYR A 10 8.60 -11.93 -3.36
CA TYR A 10 8.53 -12.35 -1.98
C TYR A 10 8.98 -11.17 -1.13
N ALA A 11 8.27 -10.88 -0.05
CA ALA A 11 8.64 -9.73 0.82
C ALA A 11 8.57 -10.15 2.28
N HIS A 12 9.62 -10.82 2.72
CA HIS A 12 9.74 -11.03 4.14
C HIS A 12 11.22 -10.90 4.50
N GLN A 13 11.48 -10.34 5.69
CA GLN A 13 12.86 -10.09 6.12
C GLN A 13 13.62 -11.33 6.54
N GLU A 14 12.89 -12.38 6.91
CA GLU A 14 13.48 -13.55 7.63
C GLU A 14 13.26 -14.88 6.88
N PRO A 15 14.34 -15.52 6.39
CA PRO A 15 14.27 -16.83 5.72
C PRO A 15 13.63 -17.93 6.59
N LYS A 16 13.84 -17.87 7.91
CA LYS A 16 13.18 -18.88 8.79
C LYS A 16 11.73 -18.60 9.13
N SER A 17 11.17 -17.51 8.59
CA SER A 17 9.78 -17.16 8.85
C SER A 17 8.79 -18.09 8.17
N PHE A 18 7.55 -17.96 8.62
CA PHE A 18 6.48 -18.72 8.02
C PHE A 18 6.28 -18.33 6.58
N ASN A 19 6.49 -17.04 6.26
CA ASN A 19 6.41 -16.61 4.85
C ASN A 19 7.53 -17.28 4.08
N GLY A 20 8.74 -17.28 4.66
CA GLY A 20 9.87 -17.94 4.04
C GLY A 20 9.58 -19.43 3.75
N SER A 21 8.93 -20.12 4.71
CA SER A 21 8.55 -21.53 4.48
C SER A 21 7.62 -21.67 3.34
N LEU A 22 6.65 -20.74 3.24
CA LEU A 22 5.67 -20.81 2.19
C LEU A 22 6.30 -20.54 0.82
N LYS A 23 7.24 -19.61 0.77
CA LYS A 23 7.96 -19.33 -0.50
C LYS A 23 8.80 -20.58 -0.89
N ASN A 24 9.49 -21.15 0.08
CA ASN A 24 10.30 -22.34 -0.18
C ASN A 24 9.53 -23.61 -0.62
N VAL A 25 8.29 -23.80 -0.14
N VAL A 25 8.32 -23.81 -0.09
CA VAL A 25 7.50 -24.95 -0.59
CA VAL A 25 7.42 -24.91 -0.55
C VAL A 25 6.86 -24.69 -1.95
C VAL A 25 6.94 -24.69 -1.96
N ALA A 26 6.64 -23.43 -2.29
CA ALA A 26 6.22 -23.09 -3.60
C ALA A 26 7.35 -23.36 -4.61
N VAL A 27 8.55 -22.81 -4.36
CA VAL A 27 9.75 -23.15 -5.15
C VAL A 27 9.93 -24.69 -5.28
N ASP A 28 9.94 -25.41 -4.16
CA ASP A 28 10.18 -26.91 -4.18
C ASP A 28 9.12 -27.63 -5.07
N GLU A 29 7.85 -27.33 -4.80
CA GLU A 29 6.74 -28.00 -5.51
C GLU A 29 6.66 -27.61 -7.00
N LEU A 30 6.82 -26.33 -7.30
CA LEU A 30 6.73 -25.92 -8.69
C LEU A 30 7.96 -26.45 -9.48
N SER A 31 9.11 -26.43 -8.86
CA SER A 31 10.34 -26.95 -9.49
C SER A 31 10.15 -28.48 -9.76
N ARG A 32 9.59 -29.19 -8.78
CA ARG A 32 9.33 -30.64 -8.90
C ARG A 32 8.40 -30.96 -10.06
N GLN A 33 7.48 -30.07 -10.35
CA GLN A 33 6.57 -30.30 -11.44
C GLN A 33 7.24 -29.97 -12.74
N GLY A 34 8.47 -29.50 -12.70
CA GLY A 34 9.21 -29.06 -13.89
C GLY A 34 8.99 -27.63 -14.37
N CYS A 35 8.34 -26.77 -13.57
CA CYS A 35 8.13 -25.37 -13.99
C CYS A 35 9.44 -24.59 -13.94
N THR A 36 9.58 -23.54 -14.75
CA THR A 36 10.69 -22.60 -14.63
C THR A 36 10.31 -21.65 -13.46
N VAL A 37 11.15 -21.52 -12.46
CA VAL A 37 10.82 -20.69 -11.29
C VAL A 37 11.93 -19.62 -11.06
N THR A 38 11.51 -18.43 -10.73
CA THR A 38 12.42 -17.34 -10.46
C THR A 38 11.81 -16.63 -9.24
N VAL A 39 12.63 -16.17 -8.29
CA VAL A 39 12.11 -15.51 -7.04
C VAL A 39 12.75 -14.13 -6.97
N SER A 40 11.93 -13.09 -6.74
CA SER A 40 12.45 -11.76 -6.41
C SER A 40 12.34 -11.59 -4.91
N ASP A 41 13.46 -11.79 -4.20
CA ASP A 41 13.48 -11.61 -2.77
C ASP A 41 13.77 -10.14 -2.44
N LEU A 42 12.70 -9.34 -2.34
CA LEU A 42 12.82 -7.88 -2.30
C LEU A 42 13.73 -7.42 -1.18
N TYR A 43 13.59 -7.99 0.02
CA TYR A 43 14.40 -7.46 1.10
C TYR A 43 15.89 -7.75 0.89
N ALA A 44 16.16 -8.97 0.44
CA ALA A 44 17.56 -9.39 0.13
C ALA A 44 18.16 -8.57 -1.01
N MET A 45 17.33 -8.12 -1.89
CA MET A 45 17.82 -7.32 -2.98
C MET A 45 17.93 -5.85 -2.52
N ASN A 46 17.50 -5.52 -1.29
CA ASN A 46 17.41 -4.10 -0.92
CA ASN A 46 17.31 -4.12 -0.85
C ASN A 46 16.58 -3.31 -1.93
N PHE A 47 15.54 -3.92 -2.52
CA PHE A 47 14.73 -3.26 -3.51
C PHE A 47 14.31 -1.83 -3.14
N GLU A 48 14.49 -0.89 -4.06
CA GLU A 48 14.11 0.50 -3.84
C GLU A 48 12.58 0.66 -3.96
N PRO A 49 11.87 1.05 -2.87
CA PRO A 49 10.41 1.27 -2.93
C PRO A 49 9.98 2.67 -3.42
N ARG A 50 10.88 3.69 -3.39
CA ARG A 50 10.44 5.06 -3.74
C ARG A 50 10.41 5.39 -5.23
N ALA A 51 9.36 6.09 -5.67
CA ALA A 51 9.17 6.47 -7.07
C ALA A 51 9.90 7.81 -7.20
N THR A 52 11.14 7.80 -7.71
CA THR A 52 11.87 9.07 -7.78
C THR A 52 12.38 9.25 -9.19
N ASP A 53 13.00 10.42 -9.42
CA ASP A 53 13.59 10.72 -10.75
C ASP A 53 14.81 9.87 -11.01
N LYS A 54 15.37 9.23 -9.99
CA LYS A 54 16.40 8.25 -10.24
C LYS A 54 15.93 7.07 -11.10
N ASP A 55 14.62 6.92 -11.30
CA ASP A 55 14.14 5.74 -11.97
C ASP A 55 14.30 5.86 -13.46
N ILE A 56 14.71 7.07 -13.87
CA ILE A 56 14.94 7.40 -15.28
C ILE A 56 16.40 7.73 -15.47
N THR A 57 17.01 7.07 -16.45
CA THR A 57 18.43 7.29 -16.71
C THR A 57 18.49 8.25 -17.90
N GLY A 58 19.64 8.91 -18.09
CA GLY A 58 19.76 9.81 -19.24
C GLY A 58 19.09 11.12 -18.90
N THR A 59 18.19 11.62 -19.74
CA THR A 59 17.63 12.95 -19.42
C THR A 59 16.11 12.98 -19.47
N LEU A 60 15.53 13.86 -18.65
CA LEU A 60 14.10 13.82 -18.40
C LEU A 60 13.28 14.55 -19.44
N SER A 61 12.19 13.95 -19.87
CA SER A 61 11.38 14.60 -20.88
C SER A 61 10.87 15.94 -20.40
N ASN A 62 11.37 16.42 -19.25
CA ASN A 62 11.02 17.75 -18.66
C ASN A 62 11.65 18.06 -17.31
N PRO A 63 12.93 18.46 -17.26
CA PRO A 63 13.46 18.63 -15.92
C PRO A 63 12.94 19.86 -15.18
N GLU A 64 11.89 20.51 -15.70
CA GLU A 64 11.38 21.72 -15.01
C GLU A 64 10.38 21.35 -13.88
N VAL A 65 9.33 20.62 -14.26
CA VAL A 65 8.34 20.03 -13.39
C VAL A 65 8.50 18.50 -13.53
N PHE A 66 8.81 17.80 -12.42
CA PHE A 66 8.92 16.32 -12.44
C PHE A 66 7.54 15.68 -12.28
N ASN A 67 7.16 14.87 -13.26
CA ASN A 67 5.90 14.14 -13.21
C ASN A 67 6.26 12.67 -13.35
N TYR A 68 6.12 11.89 -12.28
CA TYR A 68 6.62 10.51 -12.28
C TYR A 68 6.00 9.63 -13.40
N GLY A 69 4.69 9.64 -13.50
CA GLY A 69 3.98 8.81 -14.46
C GLY A 69 4.34 9.10 -15.91
N VAL A 70 4.59 10.37 -16.19
CA VAL A 70 4.88 10.76 -17.58
C VAL A 70 6.28 10.34 -17.91
N GLU A 71 7.16 10.67 -17.01
CA GLU A 71 8.57 10.43 -17.21
C GLU A 71 8.87 8.92 -17.34
N THR A 72 8.10 8.09 -16.63
CA THR A 72 8.40 6.67 -16.59
C THR A 72 7.72 6.01 -17.78
N HIS A 73 6.57 6.57 -18.19
CA HIS A 73 5.90 6.13 -19.39
C HIS A 73 6.88 6.34 -20.55
N GLU A 74 7.45 7.54 -20.66
CA GLU A 74 8.32 7.83 -21.80
C GLU A 74 9.62 7.07 -21.68
N ALA A 75 10.11 6.88 -20.45
CA ALA A 75 11.39 6.22 -20.28
C ALA A 75 11.27 4.76 -20.70
N TYR A 76 10.11 4.19 -20.39
CA TYR A 76 9.86 2.83 -20.73
C TYR A 76 9.95 2.65 -22.28
N LYS A 77 9.13 3.42 -22.99
CA LYS A 77 9.10 3.44 -24.45
C LYS A 77 10.45 3.71 -25.07
N GLN A 78 11.28 4.48 -24.38
N GLN A 78 11.28 4.52 -24.41
CA GLN A 78 12.61 4.85 -24.87
CA GLN A 78 12.61 4.84 -24.92
C GLN A 78 13.68 4.02 -24.25
C GLN A 78 13.69 4.02 -24.27
N ARG A 79 13.29 2.93 -23.61
CA ARG A 79 14.25 2.05 -22.92
C ARG A 79 15.25 2.84 -22.09
N SER A 80 14.78 3.83 -21.33
CA SER A 80 15.63 4.56 -20.40
C SER A 80 15.25 4.43 -18.89
N LEU A 81 14.66 3.31 -18.48
CA LEU A 81 14.32 3.04 -17.06
C LEU A 81 15.51 2.44 -16.29
N ALA A 82 15.54 2.66 -14.98
CA ALA A 82 16.61 2.09 -14.17
C ALA A 82 16.59 0.55 -14.30
N SER A 83 17.75 -0.05 -14.22
CA SER A 83 17.85 -1.48 -14.52
C SER A 83 17.20 -2.32 -13.40
N ASP A 84 17.12 -1.84 -12.16
CA ASP A 84 16.36 -2.66 -11.18
C ASP A 84 14.92 -2.87 -11.66
N ILE A 85 14.33 -1.82 -12.17
CA ILE A 85 13.00 -1.89 -12.79
C ILE A 85 12.90 -2.80 -14.00
N THR A 86 13.75 -2.57 -14.99
CA THR A 86 13.62 -3.39 -16.20
C THR A 86 14.03 -4.86 -15.95
N ASP A 87 14.92 -5.12 -14.97
CA ASP A 87 15.19 -6.53 -14.58
C ASP A 87 13.85 -7.14 -14.11
N GLU A 88 13.09 -6.44 -13.25
CA GLU A 88 11.82 -7.00 -12.82
C GLU A 88 10.81 -7.15 -13.97
N GLN A 89 10.74 -6.16 -14.84
CA GLN A 89 9.74 -6.29 -15.93
C GLN A 89 10.07 -7.47 -16.83
N LYS A 90 11.37 -7.74 -17.04
CA LYS A 90 11.71 -8.94 -17.85
C LYS A 90 11.20 -10.21 -17.18
N LYS A 91 11.34 -10.33 -15.85
CA LYS A 91 10.81 -11.50 -15.16
C LYS A 91 9.28 -11.60 -15.29
N VAL A 92 8.62 -10.47 -15.23
CA VAL A 92 7.17 -10.50 -15.31
C VAL A 92 6.75 -10.86 -16.74
N ARG A 93 7.40 -10.25 -17.70
CA ARG A 93 7.04 -10.48 -19.13
C ARG A 93 7.16 -11.99 -19.42
N GLU A 94 8.21 -12.62 -18.89
CA GLU A 94 8.37 -14.08 -19.15
C GLU A 94 7.45 -15.00 -18.33
N ALA A 95 6.91 -14.51 -17.24
CA ALA A 95 6.17 -15.38 -16.35
C ALA A 95 4.75 -15.74 -16.86
N ASP A 96 4.27 -16.94 -16.57
CA ASP A 96 2.87 -17.24 -16.87
C ASP A 96 2.02 -17.01 -15.64
N LEU A 97 2.69 -17.06 -14.47
CA LEU A 97 2.03 -16.88 -13.18
C LEU A 97 2.97 -16.05 -12.27
N VAL A 98 2.39 -15.07 -11.56
CA VAL A 98 3.14 -14.27 -10.58
C VAL A 98 2.48 -14.50 -9.28
N ILE A 99 3.23 -15.05 -8.34
CA ILE A 99 2.74 -15.27 -7.05
C ILE A 99 3.42 -14.24 -6.14
N PHE A 100 2.63 -13.57 -5.28
CA PHE A 100 3.16 -12.56 -4.34
C PHE A 100 3.05 -13.19 -2.98
N GLN A 101 4.16 -13.26 -2.28
CA GLN A 101 4.14 -13.92 -0.95
C GLN A 101 4.52 -12.85 0.07
N PHE A 102 3.62 -12.52 1.00
CA PHE A 102 3.92 -11.40 1.91
C PHE A 102 3.05 -11.48 3.17
N PRO A 103 3.57 -10.97 4.31
CA PRO A 103 2.63 -10.72 5.42
C PRO A 103 1.79 -9.45 5.18
N LEU A 104 0.51 -9.49 5.60
CA LEU A 104 -0.36 -8.33 5.52
C LEU A 104 0.21 -7.21 6.43
N TYR A 105 0.45 -6.02 5.89
CA TYR A 105 0.88 -4.86 6.72
C TYR A 105 -0.17 -3.78 6.47
N TRP A 106 -0.94 -3.47 7.54
CA TRP A 106 -1.95 -2.41 7.43
C TRP A 106 -2.93 -2.65 6.29
N PHE A 107 -3.55 -3.85 6.28
N PHE A 107 -3.47 -3.87 6.25
CA PHE A 107 -4.57 -4.29 5.27
CA PHE A 107 -4.54 -4.17 5.32
C PHE A 107 -4.02 -4.24 3.87
C PHE A 107 -4.00 -4.04 3.90
N SER A 108 -2.69 -4.30 3.72
CA SER A 108 -2.12 -4.16 2.39
C SER A 108 -0.75 -4.88 2.29
N VAL A 109 0.03 -4.54 1.26
CA VAL A 109 1.35 -5.15 1.15
C VAL A 109 2.37 -4.31 1.98
N PRO A 110 3.44 -4.93 2.45
CA PRO A 110 4.59 -4.16 2.98
C PRO A 110 5.02 -3.07 1.98
N ALA A 111 5.48 -1.94 2.49
CA ALA A 111 5.92 -0.85 1.60
C ALA A 111 6.93 -1.31 0.55
N ILE A 112 7.83 -2.24 0.87
CA ILE A 112 8.84 -2.58 -0.13
C ILE A 112 8.20 -3.23 -1.35
N LEU A 113 7.17 -4.04 -1.11
CA LEU A 113 6.38 -4.66 -2.19
C LEU A 113 5.44 -3.65 -2.82
N LYS A 114 4.92 -2.69 -2.05
CA LYS A 114 4.13 -1.58 -2.69
C LYS A 114 4.99 -0.82 -3.72
N GLY A 115 6.26 -0.62 -3.40
CA GLY A 115 7.20 0.02 -4.25
C GLY A 115 7.53 -0.77 -5.50
N TRP A 116 7.55 -2.11 -5.38
CA TRP A 116 7.67 -2.94 -6.57
C TRP A 116 6.48 -2.67 -7.53
N MET A 117 5.25 -2.66 -7.00
N MET A 117 5.27 -2.75 -6.98
CA MET A 117 4.08 -2.42 -7.88
CA MET A 117 4.08 -2.34 -7.71
C MET A 117 4.11 -0.99 -8.44
C MET A 117 4.36 -1.04 -8.43
N ASP A 118 4.48 -0.01 -7.60
CA ASP A 118 4.49 1.35 -8.04
C ASP A 118 5.48 1.54 -9.19
N ARG A 119 6.67 0.95 -9.04
CA ARG A 119 7.79 1.25 -9.93
C ARG A 119 7.88 0.22 -11.11
N VAL A 120 7.49 -1.04 -10.89
CA VAL A 120 7.62 -2.02 -11.98
C VAL A 120 6.44 -2.00 -12.97
N LEU A 121 5.23 -1.79 -12.46
CA LEU A 121 4.02 -1.91 -13.23
C LEU A 121 3.74 -0.56 -13.86
N CYS A 122 4.61 -0.16 -14.78
CA CYS A 122 4.54 1.20 -15.27
C CYS A 122 3.72 1.26 -16.55
N GLN A 123 3.33 2.48 -16.89
CA GLN A 123 2.46 2.71 -17.99
C GLN A 123 3.23 2.44 -19.29
N GLY A 124 2.65 1.62 -20.15
CA GLY A 124 3.37 1.21 -21.36
C GLY A 124 3.81 -0.23 -21.20
N PHE A 125 4.10 -0.63 -19.97
CA PHE A 125 4.48 -2.03 -19.69
C PHE A 125 3.25 -2.80 -19.27
N ALA A 126 2.61 -2.29 -18.22
CA ALA A 126 1.58 -3.02 -17.56
C ALA A 126 0.20 -2.52 -18.03
N PHE A 127 0.12 -1.27 -18.51
CA PHE A 127 -1.18 -0.73 -18.91
C PHE A 127 -0.94 0.50 -19.75
N ASP A 128 -2.01 0.86 -20.45
N ASP A 128 -1.97 1.08 -20.35
CA ASP A 128 -2.04 1.86 -21.50
CA ASP A 128 -1.74 2.37 -20.98
C ASP A 128 -3.49 2.22 -21.80
C ASP A 128 -2.87 3.34 -20.56
N ILE A 129 -3.65 3.32 -22.54
N ILE A 129 -2.74 4.64 -20.78
CA ILE A 129 -4.82 3.65 -23.32
CA ILE A 129 -3.91 5.50 -20.50
C ILE A 129 -4.50 3.16 -24.75
C ILE A 129 -4.54 6.00 -21.79
N PRO A 130 -5.10 2.07 -25.17
N PRO A 130 -5.62 5.36 -22.24
CA PRO A 130 -6.05 1.26 -24.44
CA PRO A 130 -6.32 4.23 -21.62
C PRO A 130 -5.29 0.22 -23.64
C PRO A 130 -6.03 2.80 -22.14
N GLY A 131 -6.02 -0.59 -22.88
N GLY A 131 -5.70 1.88 -21.23
CA GLY A 131 -5.40 -1.73 -22.23
CA GLY A 131 -5.54 0.47 -21.59
C GLY A 131 -5.42 -1.74 -20.71
C GLY A 131 -5.39 -0.48 -20.42
N PHE A 132 -6.48 -1.20 -20.08
CA PHE A 132 -6.71 -1.71 -18.73
C PHE A 132 -7.83 -2.75 -18.41
N TYR A 133 -7.94 -3.04 -17.14
CA TYR A 133 -8.77 -4.15 -16.75
C TYR A 133 -8.67 -5.29 -17.76
N ASP A 134 -9.81 -5.79 -18.25
CA ASP A 134 -9.87 -6.94 -19.15
C ASP A 134 -8.89 -6.93 -20.33
N SER A 135 -8.48 -5.73 -20.74
CA SER A 135 -7.46 -5.55 -21.77
C SER A 135 -6.14 -4.88 -21.26
N GLY A 136 -5.83 -4.98 -19.96
CA GLY A 136 -4.55 -4.40 -19.54
C GLY A 136 -3.42 -5.19 -20.20
N LEU A 137 -2.27 -4.55 -20.39
CA LEU A 137 -1.17 -5.18 -21.15
C LEU A 137 -0.68 -6.54 -20.66
N LEU A 138 -0.94 -6.92 -19.41
CA LEU A 138 -0.51 -8.21 -18.92
C LEU A 138 -1.51 -9.36 -19.16
N GLN A 139 -2.56 -9.16 -19.98
CA GLN A 139 -3.54 -10.27 -20.14
C GLN A 139 -2.89 -11.53 -20.67
N GLY A 140 -3.37 -12.66 -20.19
CA GLY A 140 -2.71 -13.92 -20.50
C GLY A 140 -2.15 -14.49 -19.21
N LYS A 141 -1.69 -13.61 -18.31
CA LYS A 141 -1.02 -14.10 -17.08
C LYS A 141 -1.92 -14.34 -15.91
N LEU A 142 -1.53 -15.25 -15.06
CA LEU A 142 -2.20 -15.41 -13.81
C LEU A 142 -1.43 -14.66 -12.72
N ALA A 143 -2.14 -14.23 -11.66
CA ALA A 143 -1.49 -13.64 -10.49
C ALA A 143 -2.27 -14.21 -9.34
N LEU A 144 -1.60 -14.41 -8.21
CA LEU A 144 -2.12 -14.98 -7.01
C LEU A 144 -1.49 -14.29 -5.80
N LEU A 145 -2.31 -13.83 -4.85
CA LEU A 145 -1.80 -13.36 -3.56
C LEU A 145 -1.75 -14.45 -2.48
N SER A 146 -0.59 -14.67 -1.91
CA SER A 146 -0.48 -15.58 -0.82
C SER A 146 -0.08 -14.72 0.36
N VAL A 147 -0.99 -14.54 1.31
CA VAL A 147 -0.88 -13.54 2.34
C VAL A 147 -0.87 -14.28 3.66
N THR A 148 -0.04 -13.83 4.60
CA THR A 148 -0.20 -14.27 5.96
C THR A 148 -0.79 -13.05 6.78
N THR A 149 -1.55 -13.36 7.82
CA THR A 149 -2.14 -12.30 8.66
C THR A 149 -1.80 -12.47 10.07
N GLY A 150 -1.94 -11.38 10.82
CA GLY A 150 -1.91 -11.51 12.28
C GLY A 150 -3.32 -11.78 12.86
N GLY A 151 -4.38 -11.31 12.23
CA GLY A 151 -5.76 -11.53 12.70
C GLY A 151 -6.38 -12.86 12.27
N THR A 152 -7.33 -13.37 13.06
CA THR A 152 -7.81 -14.74 12.88
C THR A 152 -8.85 -14.68 11.82
N ALA A 153 -9.15 -15.84 11.26
CA ALA A 153 -10.15 -15.88 10.23
C ALA A 153 -11.43 -15.22 10.71
N GLU A 154 -11.72 -15.39 12.00
CA GLU A 154 -13.02 -14.89 12.53
C GLU A 154 -13.07 -13.34 12.48
N MET A 155 -11.94 -12.72 12.81
CA MET A 155 -11.83 -11.24 12.78
C MET A 155 -12.05 -10.75 11.38
N TYR A 156 -11.70 -11.61 10.40
CA TYR A 156 -11.87 -11.25 8.98
C TYR A 156 -13.22 -11.65 8.34
N THR A 157 -14.30 -11.54 9.11
CA THR A 157 -15.65 -11.69 8.53
C THR A 157 -16.39 -10.35 8.35
N LYS A 158 -17.50 -10.44 7.63
CA LYS A 158 -18.43 -9.34 7.31
C LYS A 158 -18.64 -8.39 8.50
N THR A 159 -18.84 -9.00 9.66
CA THR A 159 -19.14 -8.21 10.84
C THR A 159 -18.22 -8.62 11.96
N GLY A 160 -17.04 -9.12 11.58
CA GLY A 160 -15.91 -9.19 12.51
C GLY A 160 -15.29 -7.79 12.58
N VAL A 161 -14.32 -7.60 13.48
CA VAL A 161 -13.73 -6.24 13.69
C VAL A 161 -13.01 -5.62 12.46
N ASN A 162 -12.40 -6.49 11.65
CA ASN A 162 -11.63 -6.11 10.42
C ASN A 162 -12.44 -6.08 9.15
N GLY A 163 -13.68 -6.55 9.25
CA GLY A 163 -14.50 -6.67 8.06
C GLY A 163 -14.02 -7.92 7.32
N ASP A 164 -14.62 -8.17 6.17
CA ASP A 164 -14.29 -9.36 5.37
C ASP A 164 -12.94 -9.24 4.62
N SER A 165 -12.10 -10.31 4.67
CA SER A 165 -10.86 -10.39 3.87
C SER A 165 -11.03 -9.78 2.52
N ARG A 166 -12.12 -10.09 1.83
CA ARG A 166 -12.21 -9.57 0.47
C ARG A 166 -12.20 -8.06 0.38
N TYR A 167 -12.55 -7.38 1.47
CA TYR A 167 -12.53 -5.91 1.49
C TYR A 167 -11.10 -5.35 1.28
N PHE A 168 -10.11 -5.91 1.94
CA PHE A 168 -8.74 -5.37 1.74
C PHE A 168 -8.13 -5.87 0.43
N LEU A 169 -8.68 -6.97 -0.11
CA LEU A 169 -8.11 -7.52 -1.33
C LEU A 169 -8.36 -6.64 -2.52
N TRP A 170 -9.39 -5.78 -2.45
CA TRP A 170 -9.85 -5.05 -3.62
C TRP A 170 -8.79 -4.19 -4.29
N PRO A 171 -8.05 -3.42 -3.49
CA PRO A 171 -7.06 -2.52 -4.09
C PRO A 171 -5.94 -3.35 -4.75
N LEU A 172 -5.69 -4.53 -4.25
CA LEU A 172 -4.59 -5.39 -4.79
C LEU A 172 -5.08 -6.21 -5.99
N GLN A 173 -6.14 -6.97 -5.78
CA GLN A 173 -6.71 -7.84 -6.83
C GLN A 173 -7.31 -7.05 -7.96
N HIS A 174 -8.17 -6.08 -7.62
CA HIS A 174 -8.90 -5.39 -8.68
C HIS A 174 -8.13 -4.15 -9.08
N GLY A 175 -7.82 -3.29 -8.11
CA GLY A 175 -7.20 -2.03 -8.47
C GLY A 175 -5.82 -2.25 -9.10
N THR A 176 -5.16 -3.36 -8.82
CA THR A 176 -3.76 -3.44 -9.33
C THR A 176 -3.67 -4.58 -10.37
N LEU A 177 -3.95 -5.79 -9.92
CA LEU A 177 -3.70 -6.97 -10.75
C LEU A 177 -4.71 -7.07 -11.91
N HIS A 178 -6.00 -7.04 -11.59
CA HIS A 178 -6.97 -6.92 -12.72
C HIS A 178 -6.72 -5.70 -13.61
N PHE A 179 -6.39 -4.53 -13.05
CA PHE A 179 -6.20 -3.37 -13.89
C PHE A 179 -5.20 -3.63 -14.96
N CYS A 180 -4.18 -4.40 -14.61
CA CYS A 180 -3.09 -4.69 -15.54
C CYS A 180 -3.41 -5.83 -16.55
N GLY A 181 -4.53 -6.55 -16.40
CA GLY A 181 -4.87 -7.66 -17.33
C GLY A 181 -4.70 -9.04 -16.73
N PHE A 182 -4.10 -9.14 -15.54
CA PHE A 182 -3.99 -10.43 -14.89
C PHE A 182 -5.38 -11.03 -14.68
N LYS A 183 -5.49 -12.33 -14.89
CA LYS A 183 -6.56 -13.10 -14.36
C LYS A 183 -6.05 -13.47 -13.00
N VAL A 184 -6.92 -13.40 -12.00
CA VAL A 184 -6.49 -13.47 -10.65
C VAL A 184 -6.99 -14.75 -10.02
N LEU A 185 -6.11 -15.57 -9.46
CA LEU A 185 -6.57 -16.77 -8.82
C LEU A 185 -6.99 -16.49 -7.37
N ALA A 186 -7.82 -17.35 -6.80
CA ALA A 186 -8.15 -17.18 -5.40
C ALA A 186 -6.95 -17.02 -4.49
N PRO A 187 -7.04 -16.03 -3.59
CA PRO A 187 -5.95 -15.73 -2.68
C PRO A 187 -5.67 -16.94 -1.86
N GLN A 188 -4.43 -17.13 -1.48
CA GLN A 188 -4.16 -18.10 -0.46
C GLN A 188 -3.98 -17.31 0.81
N ILE A 189 -4.82 -17.49 1.84
CA ILE A 189 -4.60 -16.73 3.09
C ILE A 189 -4.25 -17.58 4.28
N SER A 190 -3.07 -17.41 4.88
CA SER A 190 -2.76 -18.22 5.99
C SER A 190 -3.03 -17.41 7.23
N PHE A 191 -4.20 -17.63 7.85
CA PHE A 191 -4.65 -16.81 9.00
C PHE A 191 -3.88 -17.08 10.23
N ALA A 192 -3.26 -16.04 10.76
CA ALA A 192 -2.65 -16.06 12.08
C ALA A 192 -1.68 -17.22 12.43
N PRO A 193 -0.68 -17.46 11.57
CA PRO A 193 0.33 -18.46 11.94
C PRO A 193 0.99 -18.33 13.34
N GLU A 194 1.22 -17.11 13.83
CA GLU A 194 2.14 -16.89 14.95
C GLU A 194 1.62 -17.47 16.26
N ILE A 195 0.31 -17.59 16.35
CA ILE A 195 -0.35 -18.16 17.52
C ILE A 195 -0.57 -19.66 17.29
N ALA A 196 0.44 -20.28 16.66
CA ALA A 196 0.52 -21.72 16.29
C ALA A 196 -0.80 -22.40 16.00
N SER A 197 -0.96 -23.73 16.28
CA SER A 197 0.12 -24.67 16.68
C SER A 197 1.21 -24.95 15.63
N GLU A 198 2.38 -25.39 16.13
CA GLU A 198 3.53 -25.67 15.29
C GLU A 198 3.20 -26.77 14.30
N GLU A 199 2.22 -27.57 14.67
CA GLU A 199 1.72 -28.57 13.77
C GLU A 199 0.59 -28.01 12.89
N GLU A 200 -0.23 -27.08 13.39
CA GLU A 200 -1.26 -26.44 12.52
C GLU A 200 -0.57 -25.58 11.45
N ARG A 201 0.62 -25.12 11.80
CA ARG A 201 1.43 -24.39 10.87
C ARG A 201 1.99 -25.36 9.83
N LYS A 202 2.78 -26.33 10.32
CA LYS A 202 3.26 -27.44 9.51
C LYS A 202 2.18 -27.72 8.50
N GLY A 203 0.93 -27.70 8.98
CA GLY A 203 -0.20 -28.04 8.17
C GLY A 203 -0.66 -26.99 7.20
N MET A 204 -0.47 -25.70 7.51
CA MET A 204 -0.92 -24.68 6.55
C MET A 204 0.05 -24.66 5.35
N VAL A 205 1.32 -24.93 5.63
CA VAL A 205 2.37 -25.08 4.60
C VAL A 205 1.98 -26.24 3.64
N ALA A 206 1.50 -27.33 4.23
CA ALA A 206 1.31 -28.54 3.47
C ALA A 206 0.13 -28.28 2.60
N ALA A 207 -0.84 -27.49 3.08
CA ALA A 207 -2.01 -27.22 2.26
C ALA A 207 -1.71 -26.34 1.05
N TRP A 208 -0.73 -25.45 1.24
CA TRP A 208 -0.30 -24.56 0.17
C TRP A 208 0.42 -25.39 -0.92
N SER A 209 1.33 -26.24 -0.49
CA SER A 209 2.05 -27.19 -1.36
C SER A 209 1.03 -28.04 -2.09
N GLN A 210 0.17 -28.71 -1.31
CA GLN A 210 -1.00 -29.40 -1.82
C GLN A 210 -1.73 -28.65 -2.89
N ARG A 211 -2.18 -27.42 -2.59
CA ARG A 211 -2.83 -26.64 -3.65
C ARG A 211 -1.98 -26.36 -4.92
N LEU A 212 -0.69 -26.11 -4.73
CA LEU A 212 0.20 -25.84 -5.90
C LEU A 212 0.23 -27.03 -6.89
N GLN A 213 0.07 -28.24 -6.41
CA GLN A 213 -0.10 -29.41 -7.30
C GLN A 213 -1.02 -29.25 -8.50
N THR A 214 -2.13 -28.49 -8.37
CA THR A 214 -3.15 -28.44 -9.45
C THR A 214 -3.47 -27.00 -9.77
N ILE A 215 -2.47 -26.15 -9.54
CA ILE A 215 -2.71 -24.72 -9.62
C ILE A 215 -3.08 -24.40 -11.04
N TRP A 216 -2.50 -25.14 -11.97
CA TRP A 216 -2.72 -24.90 -13.41
C TRP A 216 -4.11 -25.38 -13.88
N LYS A 217 -4.82 -26.16 -13.07
CA LYS A 217 -6.21 -26.55 -13.44
C LYS A 217 -7.20 -25.44 -13.06
N GLU A 218 -6.85 -24.68 -12.01
CA GLU A 218 -7.72 -23.68 -11.40
C GLU A 218 -8.40 -22.65 -12.30
N GLU A 219 -9.58 -22.22 -11.86
CA GLU A 219 -10.31 -21.15 -12.54
C GLU A 219 -10.03 -19.82 -11.79
N PRO A 220 -9.72 -18.73 -12.52
CA PRO A 220 -9.58 -17.36 -11.95
C PRO A 220 -10.86 -16.95 -11.20
N ILE A 221 -10.75 -16.08 -10.21
CA ILE A 221 -11.97 -15.61 -9.57
C ILE A 221 -12.63 -14.66 -10.54
N PRO A 222 -13.94 -14.38 -10.35
CA PRO A 222 -14.56 -13.30 -11.12
C PRO A 222 -14.15 -11.99 -10.39
N CYS A 223 -13.31 -11.16 -11.01
CA CYS A 223 -12.69 -10.09 -10.22
C CYS A 223 -13.60 -8.87 -10.25
N THR A 224 -14.60 -8.87 -9.38
CA THR A 224 -15.63 -7.87 -9.55
C THR A 224 -15.97 -7.19 -8.25
N ALA A 225 -16.53 -6.00 -8.37
CA ALA A 225 -17.16 -5.38 -7.21
C ALA A 225 -18.05 -6.42 -6.50
N HIS A 226 -18.85 -7.16 -7.29
CA HIS A 226 -19.72 -8.18 -6.72
C HIS A 226 -18.99 -9.30 -5.98
N TRP A 227 -17.91 -9.83 -6.57
CA TRP A 227 -17.07 -10.78 -5.81
C TRP A 227 -16.53 -10.25 -4.46
N HIS A 228 -16.01 -9.01 -4.41
CA HIS A 228 -15.35 -8.53 -3.18
C HIS A 228 -16.32 -8.04 -2.10
N PHE A 229 -17.40 -7.41 -2.55
CA PHE A 229 -18.25 -6.69 -1.61
C PHE A 229 -19.62 -7.32 -1.52
N GLY A 230 -20.21 -7.57 -2.70
CA GLY A 230 -21.55 -8.16 -2.81
C GLY A 230 -21.74 -9.42 -1.99
N GLN A 231 -22.86 -10.10 -2.23
CA GLN A 231 -23.24 -11.33 -1.52
C GLN A 231 -23.31 -12.56 -2.47
N ALA B 2 -8.32 26.49 16.63
CA ALA B 2 -7.84 27.45 17.68
C ALA B 2 -6.33 27.24 18.01
N GLY B 3 -6.05 26.97 19.31
CA GLY B 3 -4.77 26.43 19.83
C GLY B 3 -4.66 24.94 19.47
N LYS B 4 -4.34 24.65 18.22
CA LYS B 4 -4.38 23.27 17.76
C LYS B 4 -3.05 23.00 17.04
N LYS B 5 -2.59 21.75 17.09
CA LYS B 5 -1.39 21.36 16.36
C LYS B 5 -1.81 20.42 15.21
N VAL B 6 -1.29 20.69 14.02
CA VAL B 6 -1.52 19.93 12.82
C VAL B 6 -0.21 19.39 12.20
N LEU B 7 -0.22 18.12 11.82
CA LEU B 7 0.90 17.52 11.09
C LEU B 7 0.37 17.16 9.72
N ILE B 8 0.99 17.65 8.69
CA ILE B 8 0.72 17.19 7.37
C ILE B 8 1.83 16.22 6.91
N VAL B 9 1.45 14.96 6.59
CA VAL B 9 2.37 13.95 6.04
C VAL B 9 2.18 13.99 4.51
N TYR B 10 3.19 14.50 3.82
CA TYR B 10 3.05 14.88 2.41
C TYR B 10 3.92 13.98 1.53
N ALA B 11 3.36 13.43 0.44
CA ALA B 11 4.11 12.46 -0.38
C ALA B 11 3.99 12.73 -1.89
N HIS B 12 4.73 13.74 -2.36
CA HIS B 12 4.81 14.06 -3.80
C HIS B 12 6.23 14.59 -4.05
N GLN B 13 6.78 14.18 -5.20
CA GLN B 13 8.17 14.50 -5.52
C GLN B 13 8.31 15.95 -5.98
N GLU B 14 7.22 16.58 -6.37
CA GLU B 14 7.39 17.85 -7.11
C GLU B 14 6.64 19.00 -6.45
N PRO B 15 7.39 19.95 -5.95
CA PRO B 15 6.79 21.11 -5.26
C PRO B 15 5.74 21.89 -6.12
N LYS B 16 5.86 21.88 -7.45
CA LYS B 16 4.93 22.68 -8.27
C LYS B 16 3.75 21.86 -8.68
N SER B 17 3.58 20.68 -8.08
CA SER B 17 2.49 19.81 -8.47
C SER B 17 1.20 20.27 -7.85
N PHE B 18 0.08 19.69 -8.26
CA PHE B 18 -1.22 19.94 -7.67
C PHE B 18 -1.22 19.47 -6.19
N ASN B 19 -0.59 18.32 -5.89
CA ASN B 19 -0.42 17.93 -4.45
C ASN B 19 0.34 19.01 -3.68
N GLY B 20 1.39 19.53 -4.28
CA GLY B 20 2.21 20.52 -3.62
C GLY B 20 1.39 21.76 -3.31
N SER B 21 0.56 22.18 -4.29
CA SER B 21 -0.41 23.29 -4.10
C SER B 21 -1.44 23.05 -2.96
N LEU B 22 -1.98 21.84 -2.90
CA LEU B 22 -2.94 21.55 -1.83
C LEU B 22 -2.22 21.57 -0.47
N LYS B 23 -0.97 21.07 -0.43
CA LYS B 23 -0.25 21.04 0.83
C LYS B 23 0.01 22.51 1.26
N ASN B 24 0.43 23.32 0.31
CA ASN B 24 0.75 24.71 0.64
C ASN B 24 -0.46 25.53 1.10
N VAL B 25 -1.61 25.31 0.44
CA VAL B 25 -2.80 25.99 0.87
C VAL B 25 -3.20 25.51 2.26
N ALA B 26 -3.03 24.23 2.57
CA ALA B 26 -3.32 23.80 3.95
C ALA B 26 -2.42 24.57 4.90
N VAL B 27 -1.13 24.64 4.58
CA VAL B 27 -0.19 25.29 5.47
C VAL B 27 -0.62 26.79 5.62
N ASP B 28 -0.82 27.47 4.50
CA ASP B 28 -1.18 28.93 4.48
C ASP B 28 -2.46 29.12 5.32
N GLU B 29 -3.49 28.31 5.08
CA GLU B 29 -4.79 28.51 5.81
C GLU B 29 -4.73 28.14 7.29
N LEU B 30 -4.08 27.03 7.64
CA LEU B 30 -4.03 26.68 9.06
C LEU B 30 -3.08 27.65 9.82
N SER B 31 -2.01 28.07 9.17
CA SER B 31 -1.09 29.07 9.75
C SER B 31 -1.87 30.40 9.99
N ARG B 32 -2.68 30.80 9.01
CA ARG B 32 -3.48 32.03 9.09
C ARG B 32 -4.38 31.92 10.27
N GLN B 33 -4.86 30.71 10.57
CA GLN B 33 -5.82 30.55 11.70
C GLN B 33 -5.14 30.63 12.99
N GLY B 34 -3.82 30.52 12.99
CA GLY B 34 -3.13 30.57 14.30
C GLY B 34 -2.73 29.18 14.76
N CYS B 35 -3.00 28.15 13.94
CA CYS B 35 -2.58 26.75 14.29
C CYS B 35 -1.07 26.58 14.21
N THR B 36 -0.54 25.64 14.99
CA THR B 36 0.86 25.21 14.91
C THR B 36 0.93 24.16 13.80
N VAL B 37 1.82 24.33 12.86
CA VAL B 37 1.79 23.49 11.68
C VAL B 37 3.19 22.90 11.45
N THR B 38 3.21 21.60 11.14
CA THR B 38 4.46 20.87 10.76
C THR B 38 4.20 20.02 9.53
N VAL B 39 5.15 19.91 8.60
CA VAL B 39 4.99 19.07 7.41
C VAL B 39 6.16 18.09 7.36
N SER B 40 5.87 16.81 7.16
CA SER B 40 6.88 15.83 6.94
C SER B 40 6.83 15.62 5.43
N ASP B 41 7.82 16.14 4.69
CA ASP B 41 7.81 16.08 3.22
C ASP B 41 8.64 14.85 2.86
N LEU B 42 7.96 13.71 2.71
CA LEU B 42 8.67 12.44 2.77
C LEU B 42 9.77 12.30 1.71
N TYR B 43 9.46 12.63 0.47
CA TYR B 43 10.51 12.51 -0.59
C TYR B 43 11.71 13.39 -0.30
N ALA B 44 11.46 14.62 0.18
CA ALA B 44 12.53 15.57 0.40
C ALA B 44 13.33 15.05 1.58
N MET B 45 12.71 14.35 2.49
CA MET B 45 13.47 13.78 3.60
C MET B 45 14.20 12.45 3.17
N ASN B 46 13.98 11.96 1.93
CA ASN B 46 14.45 10.62 1.56
C ASN B 46 14.01 9.59 2.66
N PHE B 47 12.76 9.73 3.11
CA PHE B 47 12.21 8.85 4.14
C PHE B 47 12.36 7.35 3.74
N GLU B 48 12.96 6.59 4.64
CA GLU B 48 13.18 5.14 4.46
C GLU B 48 11.84 4.34 4.56
N PRO B 49 11.41 3.69 3.47
CA PRO B 49 10.13 2.99 3.58
C PRO B 49 10.25 1.52 4.06
N ARG B 50 11.45 0.92 4.01
CA ARG B 50 11.56 -0.51 4.27
C ARG B 50 11.61 -0.80 5.73
N ALA B 51 10.89 -1.86 6.15
CA ALA B 51 10.79 -2.27 7.50
C ALA B 51 11.92 -3.31 7.63
N THR B 52 13.04 -2.89 8.20
CA THR B 52 14.16 -3.78 8.36
C THR B 52 14.71 -3.79 9.81
N ASP B 53 15.64 -4.72 10.02
CA ASP B 53 16.37 -4.82 11.29
C ASP B 53 17.25 -3.61 11.59
N LYS B 54 17.50 -2.76 10.61
CA LYS B 54 18.13 -1.48 10.91
C LYS B 54 17.27 -0.55 11.77
N ASP B 55 15.99 -0.83 11.93
CA ASP B 55 15.14 0.10 12.66
C ASP B 55 15.28 -0.10 14.16
N ILE B 56 16.06 -1.10 14.58
CA ILE B 56 16.24 -1.35 16.03
C ILE B 56 17.72 -1.21 16.27
N THR B 57 18.15 -0.50 17.32
CA THR B 57 19.59 -0.35 17.53
C THR B 57 20.13 -1.20 18.70
N GLY B 58 19.27 -1.72 19.55
CA GLY B 58 19.80 -2.54 20.69
C GLY B 58 19.93 -4.04 20.43
N THR B 59 20.25 -4.80 21.47
CA THR B 59 20.27 -6.24 21.34
C THR B 59 18.87 -6.65 20.94
N LEU B 60 18.75 -7.55 19.97
CA LEU B 60 17.45 -8.06 19.55
C LEU B 60 16.93 -9.08 20.53
N SER B 61 15.64 -9.06 20.76
CA SER B 61 15.04 -9.99 21.65
C SER B 61 15.22 -11.44 21.16
N ASN B 62 15.09 -11.69 19.85
CA ASN B 62 15.37 -13.02 19.34
C ASN B 62 16.20 -12.89 18.10
N PRO B 63 17.53 -12.86 18.27
CA PRO B 63 18.37 -12.61 17.08
C PRO B 63 18.38 -13.77 16.06
N GLU B 64 17.93 -14.98 16.44
CA GLU B 64 17.95 -16.15 15.54
C GLU B 64 16.90 -16.10 14.41
N VAL B 65 15.75 -15.52 14.74
CA VAL B 65 14.62 -15.41 13.83
C VAL B 65 14.06 -13.99 14.02
N PHE B 66 14.31 -13.13 13.04
CA PHE B 66 13.93 -11.74 13.14
C PHE B 66 12.44 -11.60 12.84
N ASN B 67 11.69 -10.99 13.75
CA ASN B 67 10.26 -10.72 13.55
C ASN B 67 10.11 -9.20 13.74
N TYR B 68 9.83 -8.48 12.64
CA TYR B 68 9.86 -7.02 12.68
C TYR B 68 8.86 -6.46 13.74
N GLY B 69 7.63 -6.99 13.78
CA GLY B 69 6.59 -6.53 14.71
C GLY B 69 7.05 -6.69 16.18
N VAL B 70 7.55 -7.89 16.50
CA VAL B 70 8.01 -8.16 17.89
C VAL B 70 9.22 -7.26 18.24
N GLU B 71 10.17 -7.19 17.33
CA GLU B 71 11.40 -6.45 17.64
C GLU B 71 11.17 -4.92 17.70
N THR B 72 10.27 -4.39 16.88
CA THR B 72 10.00 -2.96 17.01
C THR B 72 9.13 -2.64 18.26
N HIS B 73 8.22 -3.54 18.65
CA HIS B 73 7.40 -3.33 19.83
C HIS B 73 8.37 -3.20 21.04
N GLU B 74 9.28 -4.17 21.14
N GLU B 74 9.30 -4.13 21.10
CA GLU B 74 10.27 -4.15 22.21
CA GLU B 74 10.24 -4.15 22.20
C GLU B 74 11.14 -2.91 22.13
C GLU B 74 11.25 -3.00 22.14
N ALA B 75 11.68 -2.62 20.93
CA ALA B 75 12.50 -1.42 20.75
C ALA B 75 11.79 -0.15 21.14
N TYR B 76 10.52 -0.03 20.79
CA TYR B 76 9.79 1.16 21.20
C TYR B 76 9.77 1.27 22.79
N LYS B 77 9.44 0.19 23.48
CA LYS B 77 9.40 0.24 24.94
C LYS B 77 10.76 0.60 25.54
N GLN B 78 11.83 0.19 24.88
CA GLN B 78 13.19 0.34 25.44
C GLN B 78 13.88 1.59 24.95
N ARG B 79 13.25 2.27 23.98
CA ARG B 79 13.75 3.46 23.32
C ARG B 79 15.00 3.18 22.52
N SER B 80 14.94 2.12 21.76
CA SER B 80 16.06 1.84 20.94
C SER B 80 15.62 1.76 19.46
N LEU B 81 14.57 2.52 19.09
CA LEU B 81 14.12 2.54 17.69
C LEU B 81 14.98 3.54 16.99
N ALA B 82 15.15 3.42 15.65
CA ALA B 82 15.98 4.38 14.90
C ALA B 82 15.33 5.74 15.07
N SER B 83 16.17 6.77 15.06
CA SER B 83 15.65 8.12 15.33
C SER B 83 14.73 8.68 14.23
N ASP B 84 14.83 8.17 12.99
CA ASP B 84 13.89 8.74 12.00
C ASP B 84 12.45 8.42 12.39
N ILE B 85 12.27 7.23 13.00
CA ILE B 85 10.96 6.76 13.40
C ILE B 85 10.49 7.58 14.61
N THR B 86 11.38 7.78 15.57
CA THR B 86 10.88 8.42 16.78
C THR B 86 10.67 9.91 16.53
N ASP B 87 11.45 10.51 15.65
CA ASP B 87 11.16 11.87 15.15
C ASP B 87 9.72 12.00 14.63
N GLU B 88 9.26 11.04 13.85
CA GLU B 88 7.88 11.14 13.35
C GLU B 88 6.87 10.88 14.44
N GLN B 89 7.19 9.96 15.32
CA GLN B 89 6.28 9.70 16.45
C GLN B 89 6.04 10.91 17.31
N LYS B 90 7.10 11.69 17.52
CA LYS B 90 6.93 12.91 18.35
C LYS B 90 5.99 13.91 17.66
N LYS B 91 6.12 14.06 16.34
CA LYS B 91 5.19 14.89 15.54
C LYS B 91 3.73 14.40 15.68
N VAL B 92 3.53 13.09 15.55
CA VAL B 92 2.19 12.53 15.66
C VAL B 92 1.63 12.70 17.10
N ARG B 93 2.48 12.41 18.09
CA ARG B 93 2.06 12.50 19.48
C ARG B 93 1.56 13.87 19.80
N GLU B 94 2.30 14.87 19.33
CA GLU B 94 1.94 16.26 19.59
C GLU B 94 0.79 16.77 18.75
N ALA B 95 0.51 16.14 17.62
CA ALA B 95 -0.55 16.67 16.75
C ALA B 95 -1.95 16.42 17.29
N ASP B 96 -2.86 17.33 17.00
CA ASP B 96 -4.29 17.14 17.25
C ASP B 96 -4.96 16.61 15.97
N LEU B 97 -4.41 16.96 14.80
CA LEU B 97 -4.99 16.53 13.53
C LEU B 97 -3.80 16.13 12.62
N VAL B 98 -3.94 14.99 11.96
CA VAL B 98 -2.90 14.52 11.00
C VAL B 98 -3.58 14.47 9.65
N ILE B 99 -3.04 15.23 8.71
CA ILE B 99 -3.55 15.27 7.36
C ILE B 99 -2.52 14.54 6.48
N PHE B 100 -2.96 13.61 5.62
CA PHE B 100 -2.09 12.94 4.65
C PHE B 100 -2.43 13.51 3.31
N GLN B 101 -1.43 14.03 2.59
CA GLN B 101 -1.66 14.62 1.28
C GLN B 101 -0.87 13.79 0.27
N PHE B 102 -1.56 13.20 -0.71
CA PHE B 102 -0.87 12.26 -1.60
C PHE B 102 -1.70 11.97 -2.85
N PRO B 103 -1.00 11.64 -3.96
CA PRO B 103 -1.67 11.05 -5.12
C PRO B 103 -1.94 9.60 -4.90
N LEU B 104 -3.08 9.14 -5.40
CA LEU B 104 -3.44 7.76 -5.29
C LEU B 104 -2.49 6.99 -6.19
N TYR B 105 -1.92 5.92 -5.62
CA TYR B 105 -0.98 4.99 -6.34
C TYR B 105 -1.49 3.60 -6.13
N TRP B 106 -1.97 3.00 -7.21
CA TRP B 106 -2.54 1.68 -7.15
C TRP B 106 -3.60 1.57 -6.07
N PHE B 107 -4.56 2.50 -6.11
N PHE B 107 -4.50 2.56 -6.10
CA PHE B 107 -5.71 2.44 -5.18
CA PHE B 107 -5.65 2.50 -5.21
C PHE B 107 -5.30 2.62 -3.73
C PHE B 107 -5.21 2.50 -3.75
N SER B 108 -4.12 3.19 -3.49
CA SER B 108 -3.60 3.23 -2.15
C SER B 108 -2.61 4.40 -2.02
N VAL B 109 -1.81 4.40 -0.97
CA VAL B 109 -0.82 5.43 -0.85
C VAL B 109 0.50 5.05 -1.60
N PRO B 110 1.28 6.05 -2.05
CA PRO B 110 2.58 5.73 -2.63
C PRO B 110 3.42 4.97 -1.58
N ALA B 111 4.27 4.09 -2.07
CA ALA B 111 5.13 3.27 -1.18
C ALA B 111 5.87 4.04 -0.11
N ILE B 112 6.37 5.24 -0.43
CA ILE B 112 7.12 5.98 0.60
C ILE B 112 6.24 6.34 1.80
N LEU B 113 4.94 6.58 1.54
CA LEU B 113 3.98 6.87 2.61
C LEU B 113 3.52 5.55 3.26
N LYS B 114 3.38 4.53 2.45
CA LYS B 114 3.09 3.20 3.07
C LYS B 114 4.18 2.88 4.08
N GLY B 115 5.43 3.17 3.72
CA GLY B 115 6.55 2.90 4.66
C GLY B 115 6.48 3.73 5.93
N TRP B 116 6.03 4.97 5.81
CA TRP B 116 5.79 5.79 6.98
C TRP B 116 4.77 5.09 7.86
N MET B 117 3.66 4.60 7.29
CA MET B 117 2.68 3.97 8.18
CA MET B 117 2.65 3.88 8.10
C MET B 117 3.25 2.65 8.79
N ASP B 118 3.91 1.81 8.00
CA ASP B 118 4.46 0.57 8.51
C ASP B 118 5.47 0.76 9.67
N ARG B 119 6.33 1.78 9.52
CA ARG B 119 7.42 1.97 10.46
C ARG B 119 7.08 2.93 11.62
N VAL B 120 6.26 3.95 11.38
CA VAL B 120 6.02 4.91 12.44
C VAL B 120 4.92 4.43 13.42
N LEU B 121 3.89 3.76 12.89
CA LEU B 121 2.75 3.41 13.72
C LEU B 121 3.01 2.07 14.36
N CYS B 122 3.98 2.00 15.23
CA CYS B 122 4.37 0.66 15.66
C CYS B 122 3.62 0.23 16.91
N GLN B 123 3.70 -1.06 17.24
CA GLN B 123 3.00 -1.57 18.39
C GLN B 123 3.60 -0.94 19.62
N GLY B 124 2.79 -0.55 20.59
CA GLY B 124 3.31 0.17 21.76
C GLY B 124 3.09 1.69 21.63
N PHE B 125 3.25 2.20 20.40
CA PHE B 125 3.05 3.60 20.17
C PHE B 125 1.61 3.89 19.68
N ALA B 126 1.20 3.23 18.59
CA ALA B 126 -0.05 3.61 17.91
C ALA B 126 -1.23 2.68 18.34
N PHE B 127 -0.89 1.49 18.82
CA PHE B 127 -1.89 0.49 19.19
C PHE B 127 -1.20 -0.54 20.07
N ASP B 128 -2.00 -1.31 20.79
N ASP B 128 -2.03 -1.31 20.78
CA ASP B 128 -1.48 -2.52 21.37
CA ASP B 128 -1.58 -2.43 21.59
C ASP B 128 -2.47 -3.63 21.17
C ASP B 128 -2.52 -3.60 21.29
N ILE B 129 -2.02 -4.83 21.47
CA ILE B 129 -2.88 -6.00 21.30
C ILE B 129 -3.03 -6.51 22.73
N PRO B 130 -4.12 -6.10 23.41
CA PRO B 130 -5.33 -5.39 22.97
C PRO B 130 -5.20 -3.89 23.17
N GLY B 131 -6.05 -3.12 22.52
CA GLY B 131 -5.86 -1.68 22.48
C GLY B 131 -5.81 -1.18 21.05
N PHE B 132 -6.86 -1.44 20.28
CA PHE B 132 -6.92 -0.97 18.91
C PHE B 132 -8.37 -0.59 18.59
N TYR B 133 -8.62 -0.17 17.36
CA TYR B 133 -9.88 0.43 16.95
C TYR B 133 -10.26 1.47 18.02
N ASP B 134 -11.43 1.33 18.63
CA ASP B 134 -11.85 2.44 19.51
C ASP B 134 -10.96 2.49 20.76
N SER B 135 -10.20 1.43 21.02
CA SER B 135 -9.23 1.51 22.10
C SER B 135 -7.80 1.83 21.64
N GLY B 136 -7.59 2.18 20.38
CA GLY B 136 -6.21 2.38 19.88
C GLY B 136 -5.53 3.47 20.66
N LEU B 137 -4.20 3.54 20.63
CA LEU B 137 -3.50 4.48 21.47
C LEU B 137 -3.53 5.91 21.01
N LEU B 138 -3.92 6.19 19.76
CA LEU B 138 -3.97 7.56 19.31
C LEU B 138 -5.39 8.11 19.49
N GLN B 139 -6.21 7.48 20.35
CA GLN B 139 -7.53 8.08 20.62
C GLN B 139 -7.47 9.57 20.93
N GLY B 140 -8.51 10.28 20.56
CA GLY B 140 -8.56 11.71 20.79
C GLY B 140 -7.95 12.51 19.66
N LYS B 141 -7.29 11.85 18.68
CA LYS B 141 -6.68 12.60 17.57
C LYS B 141 -7.53 12.42 16.37
N LEU B 142 -7.46 13.37 15.45
CA LEU B 142 -8.19 13.31 14.18
C LEU B 142 -7.23 13.02 13.00
N ALA B 143 -7.72 12.38 11.95
CA ALA B 143 -6.94 12.20 10.76
C ALA B 143 -7.82 12.46 9.60
N LEU B 144 -7.21 12.87 8.50
CA LEU B 144 -7.97 13.15 7.31
C LEU B 144 -7.09 12.77 6.10
N LEU B 145 -7.65 12.06 5.09
CA LEU B 145 -6.91 11.77 3.82
C LEU B 145 -7.27 12.80 2.71
N SER B 146 -6.28 13.52 2.18
CA SER B 146 -6.51 14.45 1.10
C SER B 146 -5.78 13.81 -0.12
N VAL B 147 -6.54 13.25 -1.04
CA VAL B 147 -6.06 12.29 -2.00
C VAL B 147 -6.34 12.90 -3.35
N THR B 148 -5.39 12.82 -4.29
CA THR B 148 -5.75 13.26 -5.64
C THR B 148 -5.73 11.98 -6.53
N THR B 149 -6.57 11.96 -7.58
CA THR B 149 -6.60 10.81 -8.49
C THR B 149 -6.28 11.15 -9.96
N GLY B 150 -5.85 10.13 -10.71
CA GLY B 150 -5.90 10.24 -12.18
C GLY B 150 -7.32 10.02 -12.70
N GLY B 151 -8.10 9.13 -12.04
CA GLY B 151 -9.47 8.80 -12.46
C GLY B 151 -10.49 9.91 -12.11
N THR B 152 -11.56 10.03 -12.93
CA THR B 152 -12.57 11.08 -12.67
C THR B 152 -13.56 10.57 -11.62
N ALA B 153 -14.38 11.46 -11.06
CA ALA B 153 -15.39 11.07 -10.08
C ALA B 153 -16.32 10.02 -10.64
N GLU B 154 -16.65 10.19 -11.92
CA GLU B 154 -17.53 9.26 -12.60
C GLU B 154 -16.91 7.86 -12.61
N MET B 155 -15.61 7.78 -12.93
CA MET B 155 -14.97 6.46 -12.90
C MET B 155 -14.96 5.82 -11.51
N TYR B 156 -14.91 6.64 -10.45
CA TYR B 156 -14.95 6.11 -9.07
C TYR B 156 -16.35 6.09 -8.48
N THR B 157 -17.32 5.55 -9.21
CA THR B 157 -18.65 5.37 -8.65
C THR B 157 -18.95 3.89 -8.62
N LYS B 158 -19.96 3.49 -7.85
CA LYS B 158 -20.26 2.09 -7.78
C LYS B 158 -20.38 1.45 -9.17
N THR B 159 -20.94 2.14 -10.16
CA THR B 159 -21.12 1.47 -11.45
C THR B 159 -20.08 1.93 -12.46
N GLY B 160 -19.08 2.67 -11.97
CA GLY B 160 -17.98 3.17 -12.80
C GLY B 160 -16.93 2.06 -12.91
N VAL B 161 -15.92 2.21 -13.75
CA VAL B 161 -14.95 1.10 -13.91
C VAL B 161 -14.13 0.81 -12.65
N ASN B 162 -13.78 1.87 -11.93
CA ASN B 162 -12.98 1.73 -10.73
C ASN B 162 -13.69 1.28 -9.43
N GLY B 163 -15.02 1.16 -9.46
CA GLY B 163 -15.76 1.01 -8.20
C GLY B 163 -15.86 2.35 -7.42
N ASP B 164 -16.66 2.34 -6.37
CA ASP B 164 -16.82 3.55 -5.56
C ASP B 164 -15.49 3.99 -4.92
N SER B 165 -15.23 5.31 -4.88
CA SER B 165 -14.08 5.87 -4.16
C SER B 165 -13.98 5.34 -2.74
N ARG B 166 -15.09 5.18 -2.02
CA ARG B 166 -14.93 4.70 -0.63
C ARG B 166 -14.31 3.30 -0.52
N TYR B 167 -14.43 2.48 -1.58
CA TYR B 167 -13.88 1.10 -1.43
C TYR B 167 -12.35 1.08 -1.17
N PHE B 168 -11.61 1.93 -1.86
CA PHE B 168 -10.14 1.98 -1.68
C PHE B 168 -9.75 2.76 -0.39
N LEU B 169 -10.67 3.52 0.21
CA LEU B 169 -10.36 4.17 1.53
C LEU B 169 -10.32 3.21 2.71
N TRP B 170 -10.99 2.05 2.58
CA TRP B 170 -11.14 1.10 3.70
C TRP B 170 -9.84 0.68 4.44
N PRO B 171 -8.82 0.22 3.72
CA PRO B 171 -7.55 -0.21 4.34
C PRO B 171 -6.83 0.92 5.08
N LEU B 172 -6.99 2.13 4.57
CA LEU B 172 -6.34 3.30 5.14
C LEU B 172 -7.18 3.94 6.25
N GLN B 173 -8.45 4.26 5.96
CA GLN B 173 -9.28 4.81 7.02
C GLN B 173 -9.54 3.87 8.16
N HIS B 174 -9.97 2.65 7.82
CA HIS B 174 -10.40 1.75 8.85
C HIS B 174 -9.24 0.86 9.27
N GLY B 175 -8.55 0.26 8.31
CA GLY B 175 -7.56 -0.73 8.76
C GLY B 175 -6.34 -0.10 9.43
N THR B 176 -6.03 1.15 9.11
CA THR B 176 -4.85 1.78 9.70
C THR B 176 -5.29 2.88 10.70
N LEU B 177 -5.93 3.96 10.23
CA LEU B 177 -6.23 5.13 11.11
C LEU B 177 -7.18 4.73 12.26
N HIS B 178 -8.35 4.17 11.95
CA HIS B 178 -9.28 3.76 12.99
C HIS B 178 -8.63 2.73 13.89
N PHE B 179 -7.83 1.82 13.31
CA PHE B 179 -7.25 0.74 14.08
C PHE B 179 -6.40 1.34 15.20
N CYS B 180 -5.75 2.46 14.88
CA CYS B 180 -4.85 3.16 15.81
C CYS B 180 -5.62 4.08 16.78
N GLY B 181 -6.93 4.18 16.59
CA GLY B 181 -7.71 5.01 17.47
C GLY B 181 -8.07 6.40 16.99
N PHE B 182 -7.64 6.79 15.79
CA PHE B 182 -8.00 8.08 15.26
C PHE B 182 -9.47 8.12 14.92
N LYS B 183 -10.06 9.30 15.07
CA LYS B 183 -11.33 9.53 14.46
C LYS B 183 -10.98 10.11 13.12
N VAL B 184 -11.64 9.59 12.11
CA VAL B 184 -11.45 9.99 10.75
C VAL B 184 -12.46 11.06 10.27
N LEU B 185 -11.96 12.19 9.77
CA LEU B 185 -12.79 13.17 9.12
C LEU B 185 -12.98 12.76 7.66
N ALA B 186 -14.06 13.22 7.05
CA ALA B 186 -14.36 12.86 5.68
C ALA B 186 -13.18 13.20 4.74
N PRO B 187 -12.89 12.31 3.77
CA PRO B 187 -11.72 12.46 2.93
C PRO B 187 -11.93 13.63 2.06
N GLN B 188 -10.84 14.28 1.64
CA GLN B 188 -10.92 15.30 0.61
C GLN B 188 -10.37 14.67 -0.64
N ILE B 189 -11.21 14.45 -1.66
CA ILE B 189 -10.70 13.80 -2.83
C ILE B 189 -10.80 14.77 -3.97
N SER B 190 -9.65 15.09 -4.49
CA SER B 190 -9.52 15.94 -5.62
C SER B 190 -9.38 15.13 -6.92
N PHE B 191 -10.51 14.89 -7.62
CA PHE B 191 -10.50 14.03 -8.85
C PHE B 191 -9.85 14.65 -10.12
N ALA B 192 -8.94 13.86 -10.72
CA ALA B 192 -8.44 14.05 -12.07
C ALA B 192 -8.04 15.45 -12.38
N PRO B 193 -7.12 16.03 -11.59
CA PRO B 193 -6.71 17.39 -11.87
C PRO B 193 -5.97 17.55 -13.21
N GLU B 194 -5.39 16.46 -13.73
CA GLU B 194 -4.66 16.51 -15.01
C GLU B 194 -5.67 16.78 -16.16
N ILE B 195 -6.85 16.19 -16.04
CA ILE B 195 -7.97 16.34 -16.97
C ILE B 195 -8.73 17.69 -16.79
N ALA B 196 -9.00 18.06 -15.53
CA ALA B 196 -9.74 19.28 -15.20
C ALA B 196 -9.19 20.48 -15.95
N SER B 197 -10.03 21.48 -16.19
CA SER B 197 -9.51 22.74 -16.72
C SER B 197 -8.77 23.54 -15.65
N GLU B 198 -8.00 24.53 -16.09
CA GLU B 198 -7.20 25.38 -15.21
C GLU B 198 -8.00 26.08 -14.11
N GLU B 199 -9.24 26.42 -14.43
CA GLU B 199 -10.09 27.10 -13.46
C GLU B 199 -10.70 26.06 -12.52
N GLU B 200 -10.93 24.86 -13.02
CA GLU B 200 -11.42 23.79 -12.18
C GLU B 200 -10.38 23.39 -11.14
N ARG B 201 -9.11 23.37 -11.54
CA ARG B 201 -8.00 23.14 -10.63
C ARG B 201 -7.94 24.21 -9.52
N LYS B 202 -7.98 25.48 -9.95
CA LYS B 202 -7.94 26.62 -9.03
C LYS B 202 -9.10 26.48 -8.07
N GLY B 203 -10.21 25.99 -8.61
CA GLY B 203 -11.41 25.79 -7.80
C GLY B 203 -11.27 24.65 -6.80
N MET B 204 -10.57 23.58 -7.19
CA MET B 204 -10.40 22.48 -6.26
C MET B 204 -9.46 22.90 -5.14
N VAL B 205 -8.45 23.69 -5.46
CA VAL B 205 -7.55 24.22 -4.45
C VAL B 205 -8.32 25.10 -3.45
N ALA B 206 -9.19 25.97 -3.95
CA ALA B 206 -9.94 26.87 -3.06
C ALA B 206 -11.03 26.13 -2.29
N ALA B 207 -11.59 25.06 -2.83
CA ALA B 207 -12.53 24.28 -2.06
C ALA B 207 -11.82 23.63 -0.82
N TRP B 208 -10.58 23.20 -0.97
CA TRP B 208 -9.84 22.66 0.15
C TRP B 208 -9.49 23.73 1.17
N SER B 209 -8.94 24.83 0.69
CA SER B 209 -8.65 25.96 1.58
C SER B 209 -9.93 26.35 2.31
N GLN B 210 -11.00 26.47 1.54
CA GLN B 210 -12.30 26.85 2.11
C GLN B 210 -12.78 25.83 3.16
N ARG B 211 -12.67 24.53 2.88
CA ARG B 211 -13.07 23.57 3.87
C ARG B 211 -12.22 23.69 5.18
N LEU B 212 -10.94 23.97 5.02
CA LEU B 212 -10.02 24.03 6.16
C LEU B 212 -10.43 25.19 7.09
N GLN B 213 -11.14 26.19 6.53
CA GLN B 213 -11.58 27.29 7.39
C GLN B 213 -12.45 26.81 8.54
N THR B 214 -13.20 25.73 8.36
CA THR B 214 -14.12 25.29 9.39
C THR B 214 -13.88 23.85 9.81
N ILE B 215 -12.63 23.36 9.59
CA ILE B 215 -12.26 21.95 9.90
C ILE B 215 -12.51 21.59 11.37
N TRP B 216 -12.33 22.52 12.28
CA TRP B 216 -12.37 22.15 13.70
C TRP B 216 -13.82 21.99 14.15
N LYS B 217 -14.73 22.33 13.27
CA LYS B 217 -16.14 22.19 13.57
C LYS B 217 -16.75 20.90 13.03
N GLU B 218 -16.05 20.23 12.12
CA GLU B 218 -16.49 18.94 11.57
C GLU B 218 -16.60 17.80 12.57
N GLU B 219 -17.51 16.87 12.32
CA GLU B 219 -17.61 15.66 13.12
C GLU B 219 -16.94 14.57 12.29
N PRO B 220 -16.41 13.53 12.93
CA PRO B 220 -15.78 12.45 12.17
C PRO B 220 -16.84 11.60 11.41
N ILE B 221 -16.40 10.78 10.46
CA ILE B 221 -17.33 9.85 9.83
C ILE B 221 -17.54 8.64 10.72
N PRO B 222 -18.66 7.93 10.51
CA PRO B 222 -18.74 6.63 11.16
C PRO B 222 -17.81 5.72 10.32
N CYS B 223 -16.69 5.30 10.88
CA CYS B 223 -15.72 4.54 10.08
C CYS B 223 -16.07 3.05 10.16
N THR B 224 -17.12 2.64 9.46
CA THR B 224 -17.55 1.25 9.62
C THR B 224 -17.66 0.67 8.22
N ALA B 225 -17.80 -0.66 8.11
CA ALA B 225 -18.11 -1.28 6.81
C ALA B 225 -19.32 -0.61 6.08
N HIS B 226 -20.34 -0.22 6.84
CA HIS B 226 -21.57 0.22 6.15
C HIS B 226 -21.26 1.52 5.42
N TRP B 227 -20.49 2.40 6.07
CA TRP B 227 -20.18 3.70 5.48
C TRP B 227 -19.38 3.44 4.19
N HIS B 228 -18.50 2.44 4.24
CA HIS B 228 -17.61 2.27 3.09
C HIS B 228 -18.27 1.51 1.95
N PHE B 229 -19.05 0.52 2.34
CA PHE B 229 -19.58 -0.44 1.36
C PHE B 229 -21.10 -0.40 1.18
N GLY B 230 -21.84 0.19 2.12
CA GLY B 230 -23.28 0.43 1.88
C GLY B 230 -23.92 -0.83 2.36
N GLN B 231 -24.85 -1.40 1.57
CA GLN B 231 -25.43 -2.70 1.96
C GLN B 231 -26.21 -2.64 3.28
#